data_3D3Y
#
_entry.id   3D3Y
#
_cell.length_a   122.437
_cell.length_b   122.437
_cell.length_c   69.003
_cell.angle_alpha   90.00
_cell.angle_beta   90.00
_cell.angle_gamma   90.00
#
_symmetry.space_group_name_H-M   'I 4'
#
loop_
_entity.id
_entity.type
_entity.pdbx_description
1 polymer 'Uncharacterized protein'
2 non-polymer 'ACETATE ION'
3 non-polymer 1,2-ETHANEDIOL
4 water water
#
_entity_poly.entity_id   1
_entity_poly.type   'polypeptide(L)'
_entity_poly.pdbx_seq_one_letter_code
;SNA(MSE)SVQLVKGVNLHVIPTEKYKTVRLLVRFNTRLNHETITKRTLLSSL(MSE)ETNSLNYPNQVKLSERLAELYG
ASFGIGVSKKGNQHWFNIS(MSE)NIVNDHYLQDSQVLAEAVDFLKEIIFAPNIQAGQFEAETFQREKENLKAYLESIVE
DKQTYASLALQSVYFNQSEDQKIPSFGTVAALAEETAASLAAYYQK(MSE)LAEDQVDIFVLGDVNEAELVPLFKQLPFT
PREEGKAAIFYNQPIRNVIEERTEREVLAQSKLNLAYNTDIYYGDSYYFALQVFNGIFGGFPHSKLF(MSE)NVREKEHL
AYYASSSIDTFRGF(MSE)TVQTGIDGKNRNQVLRLISTELENIRLGKIRELEIEQTKA(MSE)LKNQYILALDNAGAWL
EKEYLNEL(MSE)PQT(MSE)LTAEEWIARINAVTIPEIQEVAKRLELQAIFFLEGETEND
;
_entity_poly.pdbx_strand_id   A
#
loop_
_chem_comp.id
_chem_comp.type
_chem_comp.name
_chem_comp.formula
ACT non-polymer 'ACETATE ION' 'C2 H3 O2 -1'
EDO non-polymer 1,2-ETHANEDIOL 'C2 H6 O2'
#
# COMPACT_ATOMS: atom_id res chain seq x y z
N SER A 1 -10.41 20.00 -1.82
CA SER A 1 -10.61 19.22 -3.07
C SER A 1 -11.59 19.89 -4.04
N ASN A 2 -11.28 19.82 -5.33
CA ASN A 2 -12.19 20.29 -6.40
C ASN A 2 -13.01 19.17 -7.04
N ALA A 3 -13.02 18.00 -6.40
CA ALA A 3 -13.76 16.83 -6.87
C ALA A 3 -15.27 17.05 -6.89
N MSE A 4 -15.87 16.66 -8.00
CA MSE A 4 -17.30 16.62 -8.13
C MSE A 4 -17.71 15.17 -8.19
O MSE A 4 -17.25 14.40 -9.06
CB MSE A 4 -17.70 17.36 -9.39
CG MSE A 4 -17.38 18.83 -9.26
SE MSE A 4 -17.30 19.60 -11.01
CE MSE A 4 -16.07 18.34 -11.84
N SER A 5 -18.55 14.78 -7.23
CA SER A 5 -18.89 13.39 -7.14
C SER A 5 -20.37 13.12 -7.46
N VAL A 6 -20.57 11.98 -8.11
CA VAL A 6 -21.89 11.52 -8.53
C VAL A 6 -22.02 10.05 -8.23
N GLN A 7 -23.18 9.69 -7.69
CA GLN A 7 -23.58 8.32 -7.57
C GLN A 7 -24.02 7.75 -8.94
N LEU A 8 -23.27 6.76 -9.42
CA LEU A 8 -23.65 6.00 -10.63
C LEU A 8 -24.77 5.07 -10.24
N VAL A 9 -24.47 4.08 -9.40
CA VAL A 9 -25.47 3.35 -8.59
C VAL A 9 -25.01 3.33 -7.12
N LYS A 10 -25.90 2.96 -6.20
CA LYS A 10 -25.50 2.73 -4.79
C LYS A 10 -24.19 1.94 -4.67
N GLY A 11 -23.23 2.47 -3.92
CA GLY A 11 -21.94 1.82 -3.73
C GLY A 11 -20.91 2.09 -4.81
N VAL A 12 -21.34 2.74 -5.89
CA VAL A 12 -20.47 3.06 -7.03
C VAL A 12 -20.53 4.55 -7.34
N ASN A 13 -19.41 5.22 -7.06
CA ASN A 13 -19.36 6.67 -7.16
C ASN A 13 -18.28 7.15 -8.08
N LEU A 14 -18.57 8.23 -8.79
CA LEU A 14 -17.63 8.83 -9.73
C LEU A 14 -17.15 10.14 -9.13
N HIS A 15 -15.85 10.39 -9.28
CA HIS A 15 -15.24 11.61 -8.76
C HIS A 15 -14.40 12.22 -9.84
N VAL A 16 -14.76 13.42 -10.24
CA VAL A 16 -14.07 14.13 -11.32
C VAL A 16 -13.27 15.28 -10.69
N ILE A 17 -11.95 15.29 -10.96
CA ILE A 17 -11.04 16.29 -10.43
C ILE A 17 -10.49 17.11 -11.62
N PRO A 18 -11.15 18.24 -11.92
CA PRO A 18 -10.74 19.10 -13.03
C PRO A 18 -9.45 19.81 -12.69
N THR A 19 -8.55 19.89 -13.66
CA THR A 19 -7.29 20.58 -13.48
C THR A 19 -6.69 20.85 -14.86
N GLU A 20 -5.93 21.94 -14.97
CA GLU A 20 -5.23 22.23 -16.21
C GLU A 20 -3.72 21.95 -16.06
N LYS A 21 -3.37 21.27 -14.98
CA LYS A 21 -1.99 21.04 -14.60
C LYS A 21 -1.31 20.03 -15.54
N TYR A 22 -2.10 19.16 -16.17
CA TYR A 22 -1.58 18.04 -16.96
C TYR A 22 -2.07 18.00 -18.40
N LYS A 23 -1.30 17.36 -19.28
CA LYS A 23 -1.65 17.20 -20.69
C LYS A 23 -2.31 15.84 -20.92
N THR A 24 -2.33 15.02 -19.88
CA THR A 24 -2.99 13.73 -19.93
C THR A 24 -4.09 13.67 -18.89
N VAL A 25 -4.88 12.60 -18.98
CA VAL A 25 -6.01 12.35 -18.09
C VAL A 25 -5.76 11.01 -17.42
N ARG A 26 -5.77 10.99 -16.09
CA ARG A 26 -5.58 9.77 -15.35
C ARG A 26 -6.95 9.28 -14.96
N LEU A 27 -7.11 7.96 -15.04
CA LEU A 27 -8.32 7.28 -14.59
C LEU A 27 -7.94 6.19 -13.61
N LEU A 28 -8.77 6.07 -12.57
CA LEU A 28 -8.58 5.04 -11.54
C LEU A 28 -9.93 4.46 -11.22
N VAL A 29 -10.04 3.15 -11.36
CA VAL A 29 -11.20 2.44 -10.84
C VAL A 29 -10.72 1.61 -9.64
N ARG A 30 -11.24 1.95 -8.46
CA ARG A 30 -10.78 1.28 -7.24
C ARG A 30 -11.89 0.47 -6.57
N PHE A 31 -11.71 -0.85 -6.55
CA PHE A 31 -12.62 -1.76 -5.84
C PHE A 31 -12.13 -1.94 -4.40
N ASN A 32 -13.00 -1.71 -3.43
CA ASN A 32 -12.60 -1.66 -2.04
C ASN A 32 -13.35 -2.75 -1.29
N THR A 33 -12.62 -3.55 -0.51
CA THR A 33 -13.22 -4.62 0.31
C THR A 33 -12.50 -4.72 1.65
N ARG A 34 -13.13 -5.36 2.63
CA ARG A 34 -12.44 -5.70 3.89
C ARG A 34 -11.23 -6.61 3.62
N LEU A 35 -10.11 -6.35 4.27
CA LEU A 35 -8.93 -7.24 4.16
C LEU A 35 -9.37 -8.60 4.67
N ASN A 36 -9.09 -9.67 3.92
CA ASN A 36 -9.73 -10.97 4.18
C ASN A 36 -8.85 -12.08 3.64
N HIS A 37 -8.29 -12.90 4.52
CA HIS A 37 -7.42 -13.98 4.07
C HIS A 37 -8.09 -14.85 2.98
N GLU A 38 -9.41 -14.94 2.98
CA GLU A 38 -10.11 -15.77 1.97
C GLU A 38 -10.03 -15.20 0.54
N THR A 39 -9.77 -13.90 0.39
CA THR A 39 -9.81 -13.25 -0.93
C THR A 39 -8.55 -12.46 -1.32
N ILE A 40 -7.56 -12.34 -0.44
CA ILE A 40 -6.36 -11.54 -0.78
C ILE A 40 -5.61 -12.10 -1.98
N THR A 41 -5.31 -13.38 -1.95
CA THR A 41 -4.59 -14.02 -3.03
C THR A 41 -5.46 -14.07 -4.30
N LYS A 42 -6.76 -14.28 -4.12
CA LYS A 42 -7.69 -14.25 -5.24
C LYS A 42 -7.67 -12.88 -5.94
N ARG A 43 -7.77 -11.82 -5.16
CA ARG A 43 -7.69 -10.46 -5.71
C ARG A 43 -6.36 -10.24 -6.42
N THR A 44 -5.27 -10.62 -5.79
CA THR A 44 -3.95 -10.49 -6.43
C THR A 44 -3.84 -11.17 -7.79
N LEU A 45 -4.24 -12.44 -7.85
CA LEU A 45 -4.18 -13.18 -9.11
C LEU A 45 -5.15 -12.61 -10.15
N LEU A 46 -6.35 -12.26 -9.70
CA LEU A 46 -7.33 -11.63 -10.57
C LEU A 46 -6.78 -10.36 -11.24
N SER A 47 -6.03 -9.56 -10.49
CA SER A 47 -5.48 -8.34 -11.08
C SER A 47 -4.56 -8.71 -12.26
N SER A 48 -3.82 -9.82 -12.17
CA SER A 48 -3.00 -10.24 -13.30
C SER A 48 -3.86 -10.77 -14.46
N LEU A 49 -4.94 -11.47 -14.14
CA LEU A 49 -5.78 -12.07 -15.17
C LEU A 49 -6.47 -11.00 -15.97
N MSE A 50 -7.01 -9.99 -15.28
CA MSE A 50 -7.82 -8.98 -15.96
C MSE A 50 -6.97 -8.00 -16.76
O MSE A 50 -7.47 -7.34 -17.67
CB MSE A 50 -8.73 -8.26 -14.97
CG MSE A 50 -9.76 -9.25 -14.39
SE MSE A 50 -10.90 -8.32 -13.14
CE MSE A 50 -11.58 -6.90 -14.29
N GLU A 51 -5.67 -7.92 -16.43
CA GLU A 51 -4.75 -7.02 -17.11
C GLU A 51 -4.17 -7.60 -18.40
N THR A 52 -3.92 -8.92 -18.41
CA THR A 52 -3.13 -9.55 -19.47
C THR A 52 -3.89 -9.65 -20.79
N ASN A 53 -5.20 -9.96 -20.69
CA ASN A 53 -6.09 -10.05 -21.84
C ASN A 53 -7.53 -10.01 -21.38
N SER A 54 -8.47 -9.89 -22.32
CA SER A 54 -9.89 -9.92 -21.98
C SER A 54 -10.61 -10.73 -23.06
N LEU A 55 -11.92 -10.90 -22.91
CA LEU A 55 -12.69 -11.69 -23.89
C LEU A 55 -12.46 -11.23 -25.33
N ASN A 56 -12.51 -9.91 -25.54
CA ASN A 56 -12.46 -9.34 -26.89
C ASN A 56 -11.10 -8.79 -27.30
N TYR A 57 -10.15 -8.76 -26.36
CA TYR A 57 -8.73 -8.59 -26.66
C TYR A 57 -7.99 -9.82 -26.10
N PRO A 58 -8.20 -10.99 -26.76
CA PRO A 58 -7.87 -12.30 -26.16
C PRO A 58 -6.41 -12.65 -25.98
N ASN A 59 -5.52 -11.76 -26.37
CA ASN A 59 -4.11 -11.97 -26.09
C ASN A 59 -3.42 -10.63 -25.98
N GLN A 60 -2.14 -10.66 -25.61
CA GLN A 60 -1.41 -9.42 -25.25
C GLN A 60 -1.03 -8.61 -26.48
N VAL A 61 -0.93 -9.29 -27.62
CA VAL A 61 -0.76 -8.59 -28.89
C VAL A 61 -1.99 -7.72 -29.21
N LYS A 62 -3.17 -8.33 -29.07
CA LYS A 62 -4.43 -7.65 -29.36
C LYS A 62 -4.73 -6.53 -28.36
N LEU A 63 -4.44 -6.78 -27.09
CA LEU A 63 -4.69 -5.76 -26.06
C LEU A 63 -3.76 -4.55 -26.26
N SER A 64 -2.47 -4.82 -26.45
CA SER A 64 -1.55 -3.70 -26.60
C SER A 64 -1.78 -2.91 -27.91
N GLU A 65 -2.31 -3.58 -28.92
CA GLU A 65 -2.73 -2.94 -30.15
C GLU A 65 -3.95 -2.01 -29.90
N ARG A 66 -4.87 -2.42 -29.05
CA ARG A 66 -5.97 -1.52 -28.66
C ARG A 66 -5.44 -0.29 -27.89
N LEU A 67 -4.51 -0.53 -26.95
CA LEU A 67 -3.87 0.57 -26.23
C LEU A 67 -3.21 1.60 -27.17
N ALA A 68 -2.67 1.09 -28.27
CA ALA A 68 -2.02 1.92 -29.27
C ALA A 68 -3.07 2.69 -30.05
N GLU A 69 -4.20 2.03 -30.38
CA GLU A 69 -5.33 2.71 -31.01
C GLU A 69 -5.80 3.83 -30.14
N LEU A 70 -5.71 3.63 -28.81
CA LEU A 70 -6.12 4.65 -27.85
C LEU A 70 -5.02 5.69 -27.65
N TYR A 71 -4.31 6.02 -28.73
CA TYR A 71 -3.33 7.11 -28.72
C TYR A 71 -2.16 6.80 -27.75
N GLY A 72 -1.81 5.53 -27.64
CA GLY A 72 -0.64 5.10 -26.83
C GLY A 72 -0.91 5.23 -25.33
N ALA A 73 -2.07 4.73 -24.88
CA ALA A 73 -2.49 4.76 -23.48
C ALA A 73 -1.65 3.83 -22.61
N SER A 74 -1.44 4.19 -21.34
CA SER A 74 -0.88 3.29 -20.36
C SER A 74 -2.04 2.68 -19.58
N PHE A 75 -1.90 1.41 -19.25
CA PHE A 75 -2.93 0.64 -18.56
C PHE A 75 -2.30 -0.36 -17.59
N GLY A 76 -2.84 -0.44 -16.38
CA GLY A 76 -2.34 -1.48 -15.47
C GLY A 76 -3.35 -1.78 -14.40
N ILE A 77 -3.24 -2.97 -13.81
CA ILE A 77 -4.04 -3.36 -12.65
C ILE A 77 -3.10 -3.92 -11.58
N GLY A 78 -3.31 -3.50 -10.33
CA GLY A 78 -2.59 -4.11 -9.20
C GLY A 78 -3.44 -4.06 -7.93
N VAL A 79 -2.85 -4.42 -6.79
CA VAL A 79 -3.55 -4.45 -5.53
C VAL A 79 -2.70 -3.83 -4.47
N SER A 80 -3.35 -3.33 -3.42
CA SER A 80 -2.62 -2.88 -2.25
C SER A 80 -3.47 -3.06 -1.00
N LYS A 81 -2.85 -2.84 0.16
CA LYS A 81 -3.49 -3.12 1.43
C LYS A 81 -3.39 -1.81 2.17
N LYS A 82 -4.44 -1.41 2.87
CA LYS A 82 -4.40 -0.17 3.64
C LYS A 82 -5.24 -0.38 4.85
N GLY A 83 -4.61 -0.41 6.02
CA GLY A 83 -5.37 -0.62 7.25
C GLY A 83 -6.12 -1.93 7.15
N ASN A 84 -7.41 -1.90 7.42
CA ASN A 84 -8.25 -3.07 7.30
C ASN A 84 -8.92 -3.27 5.92
N GLN A 85 -8.43 -2.56 4.90
CA GLN A 85 -9.00 -2.63 3.54
C GLN A 85 -8.00 -3.23 2.56
N HIS A 86 -8.52 -3.85 1.52
CA HIS A 86 -7.66 -4.35 0.44
C HIS A 86 -8.25 -3.73 -0.84
N TRP A 87 -7.37 -3.13 -1.62
CA TRP A 87 -7.77 -2.33 -2.77
C TRP A 87 -7.34 -3.04 -4.06
N PHE A 88 -8.23 -3.05 -5.06
CA PHE A 88 -7.97 -3.63 -6.39
C PHE A 88 -8.08 -2.43 -7.33
N ASN A 89 -6.98 -2.13 -8.01
CA ASN A 89 -6.79 -0.80 -8.64
C ASN A 89 -6.56 -0.89 -10.14
N ILE A 90 -7.48 -0.35 -10.92
CA ILE A 90 -7.29 -0.36 -12.38
C ILE A 90 -6.97 1.07 -12.75
N SER A 91 -5.82 1.25 -13.39
CA SER A 91 -5.32 2.59 -13.71
C SER A 91 -5.13 2.73 -15.21
N MSE A 92 -5.38 3.94 -15.71
CA MSE A 92 -5.12 4.31 -17.10
C MSE A 92 -4.63 5.74 -17.16
O MSE A 92 -5.07 6.60 -16.36
CB MSE A 92 -6.39 4.24 -17.94
CG MSE A 92 -6.79 2.90 -18.40
SE MSE A 92 -8.28 3.02 -19.66
CE MSE A 92 -7.42 3.25 -21.34
N ASN A 93 -3.74 5.99 -18.11
CA ASN A 93 -3.26 7.34 -18.47
C ASN A 93 -3.50 7.48 -19.98
N ILE A 94 -4.17 8.55 -20.38
CA ILE A 94 -4.48 8.83 -21.79
C ILE A 94 -4.16 10.28 -22.11
N VAL A 95 -3.81 10.54 -23.37
CA VAL A 95 -3.52 11.89 -23.80
C VAL A 95 -4.86 12.62 -23.94
N ASN A 96 -4.91 13.88 -23.51
CA ASN A 96 -6.15 14.69 -23.61
C ASN A 96 -6.51 14.97 -25.07
N ASP A 97 -7.81 15.02 -25.40
CA ASP A 97 -8.29 15.36 -26.78
C ASP A 97 -7.65 16.62 -27.35
N HIS A 98 -7.29 17.55 -26.47
CA HIS A 98 -6.67 18.81 -26.87
C HIS A 98 -5.40 18.59 -27.70
N TYR A 99 -4.71 17.49 -27.45
CA TYR A 99 -3.42 17.22 -28.11
C TYR A 99 -3.52 16.23 -29.25
N LEU A 100 -4.75 15.81 -29.54
CA LEU A 100 -5.03 14.83 -30.58
C LEU A 100 -5.87 15.44 -31.72
N GLN A 101 -5.88 14.76 -32.87
CA GLN A 101 -6.50 15.28 -34.08
C GLN A 101 -8.01 14.96 -34.22
N ASP A 102 -8.35 13.71 -34.47
CA ASP A 102 -9.76 13.35 -34.55
C ASP A 102 -9.97 12.25 -33.56
N SER A 103 -10.36 12.66 -32.36
CA SER A 103 -10.38 11.75 -31.23
C SER A 103 -11.61 11.98 -30.35
N GLN A 104 -11.97 10.94 -29.61
CA GLN A 104 -12.99 11.03 -28.58
C GLN A 104 -12.42 10.25 -27.39
N VAL A 105 -11.26 10.69 -26.91
CA VAL A 105 -10.44 9.85 -26.06
C VAL A 105 -11.15 9.36 -24.79
N LEU A 106 -11.97 10.21 -24.19
CA LEU A 106 -12.65 9.84 -22.96
C LEU A 106 -13.65 8.74 -23.21
N ALA A 107 -14.47 8.91 -24.25
CA ALA A 107 -15.41 7.87 -24.64
C ALA A 107 -14.73 6.55 -24.98
N GLU A 108 -13.60 6.66 -25.67
CA GLU A 108 -12.85 5.48 -26.09
C GLU A 108 -12.19 4.78 -24.90
N ALA A 109 -11.67 5.55 -23.95
CA ALA A 109 -11.10 4.94 -22.74
C ALA A 109 -12.16 4.26 -21.88
N VAL A 110 -13.32 4.89 -21.68
CA VAL A 110 -14.39 4.26 -20.90
C VAL A 110 -14.86 2.97 -21.55
N ASP A 111 -14.96 2.95 -22.87
CA ASP A 111 -15.28 1.71 -23.57
C ASP A 111 -14.24 0.64 -23.27
N PHE A 112 -12.97 1.03 -23.25
CA PHE A 112 -11.90 0.04 -22.96
C PHE A 112 -12.02 -0.50 -21.54
N LEU A 113 -12.24 0.39 -20.58
CA LEU A 113 -12.56 -0.03 -19.23
C LEU A 113 -13.76 -0.98 -19.16
N LYS A 114 -14.81 -0.68 -19.93
CA LYS A 114 -15.99 -1.53 -19.90
C LYS A 114 -15.62 -2.96 -20.33
N GLU A 115 -14.76 -3.04 -21.37
CA GLU A 115 -14.26 -4.32 -21.90
C GLU A 115 -13.48 -5.07 -20.82
N ILE A 116 -12.50 -4.38 -20.24
CA ILE A 116 -11.69 -4.98 -19.17
C ILE A 116 -12.51 -5.47 -17.97
N ILE A 117 -13.43 -4.62 -17.50
CA ILE A 117 -14.17 -4.91 -16.26
C ILE A 117 -15.32 -5.89 -16.43
N PHE A 118 -16.09 -5.72 -17.50
CA PHE A 118 -17.30 -6.50 -17.72
C PHE A 118 -17.18 -7.60 -18.76
N ALA A 119 -16.08 -7.64 -19.50
CA ALA A 119 -15.90 -8.70 -20.49
C ALA A 119 -14.54 -9.35 -20.31
N PRO A 120 -14.28 -9.90 -19.10
CA PRO A 120 -13.00 -10.58 -18.91
C PRO A 120 -12.97 -11.87 -19.71
N ASN A 121 -11.81 -12.50 -19.76
CA ASN A 121 -11.59 -13.66 -20.59
C ASN A 121 -12.07 -14.93 -19.87
N ILE A 122 -13.38 -15.00 -19.66
CA ILE A 122 -14.01 -16.13 -18.97
C ILE A 122 -14.90 -16.83 -19.98
N GLN A 123 -14.81 -18.15 -20.03
CA GLN A 123 -15.70 -18.98 -20.86
C GLN A 123 -16.40 -20.01 -20.02
N ALA A 124 -17.72 -20.06 -20.13
CA ALA A 124 -18.56 -20.97 -19.33
C ALA A 124 -18.04 -21.08 -17.88
N GLY A 125 -17.92 -19.92 -17.25
CA GLY A 125 -17.58 -19.80 -15.83
C GLY A 125 -16.18 -20.04 -15.37
N GLN A 126 -15.22 -20.19 -16.30
CA GLN A 126 -13.81 -20.32 -15.91
C GLN A 126 -12.94 -19.41 -16.76
N PHE A 127 -11.93 -18.80 -16.14
CA PHE A 127 -10.93 -18.12 -16.95
C PHE A 127 -10.32 -19.05 -17.99
N GLU A 128 -10.01 -18.49 -19.16
CA GLU A 128 -9.34 -19.23 -20.20
C GLU A 128 -8.08 -19.93 -19.60
N ALA A 129 -7.91 -21.22 -19.91
CA ALA A 129 -6.96 -22.08 -19.21
C ALA A 129 -5.49 -21.73 -19.45
N GLU A 130 -5.15 -21.42 -20.69
CA GLU A 130 -3.76 -21.09 -20.98
C GLU A 130 -3.40 -19.86 -20.21
N THR A 131 -4.29 -18.88 -20.26
CA THR A 131 -4.05 -17.60 -19.61
C THR A 131 -3.97 -17.81 -18.12
N PHE A 132 -4.88 -18.61 -17.58
CA PHE A 132 -4.92 -18.82 -16.15
C PHE A 132 -3.63 -19.48 -15.63
N GLN A 133 -3.22 -20.56 -16.27
CA GLN A 133 -2.04 -21.27 -15.83
C GLN A 133 -0.77 -20.40 -15.91
N ARG A 134 -0.61 -19.67 -17.01
CA ARG A 134 0.49 -18.73 -17.17
C ARG A 134 0.54 -17.71 -16.03
N GLU A 135 -0.60 -17.07 -15.73
CA GLU A 135 -0.62 -16.02 -14.68
C GLU A 135 -0.43 -16.58 -13.27
N LYS A 136 -0.95 -17.79 -13.04
CA LYS A 136 -0.75 -18.48 -11.76
C LYS A 136 0.77 -18.77 -11.55
N GLU A 137 1.39 -19.37 -12.57
CA GLU A 137 2.83 -19.60 -12.57
C GLU A 137 3.63 -18.30 -12.38
N ASN A 138 3.22 -17.20 -13.05
CA ASN A 138 3.89 -15.89 -12.91
C ASN A 138 3.79 -15.36 -11.49
N LEU A 139 2.60 -15.48 -10.88
CA LEU A 139 2.42 -15.01 -9.52
C LEU A 139 3.21 -15.85 -8.55
N LYS A 140 3.25 -17.16 -8.75
CA LYS A 140 4.06 -17.99 -7.88
C LYS A 140 5.54 -17.55 -7.94
N ALA A 141 6.02 -17.29 -9.17
CA ALA A 141 7.40 -16.84 -9.35
C ALA A 141 7.65 -15.52 -8.58
N TYR A 142 6.71 -14.60 -8.68
CA TYR A 142 6.79 -13.33 -7.95
C TYR A 142 6.84 -13.50 -6.45
N LEU A 143 5.92 -14.30 -5.91
CA LEU A 143 5.88 -14.55 -4.47
C LEU A 143 7.14 -15.27 -4.02
N GLU A 144 7.64 -16.20 -4.84
CA GLU A 144 8.93 -16.83 -4.52
C GLU A 144 10.13 -15.86 -4.49
N SER A 145 10.18 -14.88 -5.41
CA SER A 145 11.23 -13.86 -5.37
C SER A 145 11.10 -12.94 -4.13
N ILE A 146 9.87 -12.58 -3.77
CA ILE A 146 9.63 -11.87 -2.53
C ILE A 146 10.28 -12.57 -1.34
N VAL A 147 9.96 -13.84 -1.18
CA VAL A 147 10.45 -14.69 -0.08
C VAL A 147 11.96 -14.93 -0.14
N GLU A 148 12.56 -14.85 -1.33
CA GLU A 148 14.02 -14.99 -1.47
C GLU A 148 14.82 -13.79 -0.99
N ASP A 149 14.18 -12.63 -0.93
CA ASP A 149 14.82 -11.47 -0.34
C ASP A 149 14.63 -11.56 1.16
N LYS A 150 15.71 -11.85 1.88
CA LYS A 150 15.61 -12.18 3.30
C LYS A 150 15.20 -11.02 4.22
N GLN A 151 15.51 -9.81 3.81
CA GLN A 151 15.01 -8.63 4.52
C GLN A 151 13.48 -8.56 4.43
N THR A 152 12.94 -8.72 3.21
CA THR A 152 11.51 -8.71 2.97
C THR A 152 10.88 -9.87 3.72
N TYR A 153 11.45 -11.07 3.61
CA TYR A 153 10.93 -12.23 4.31
C TYR A 153 10.79 -11.96 5.83
N ALA A 154 11.86 -11.45 6.44
CA ALA A 154 11.91 -11.22 7.88
C ALA A 154 10.92 -10.12 8.29
N SER A 155 10.63 -9.18 7.39
CA SER A 155 9.65 -8.13 7.66
C SER A 155 8.23 -8.69 7.68
N LEU A 156 7.93 -9.50 6.68
CA LEU A 156 6.67 -10.22 6.63
C LEU A 156 6.48 -11.16 7.83
N ALA A 157 7.54 -11.85 8.23
CA ALA A 157 7.47 -12.78 9.34
C ALA A 157 7.24 -12.02 10.64
N LEU A 158 7.87 -10.86 10.78
CA LEU A 158 7.61 -10.02 11.94
C LEU A 158 6.14 -9.65 11.99
N GLN A 159 5.61 -9.19 10.86
CA GLN A 159 4.19 -8.85 10.78
C GLN A 159 3.25 -10.02 11.16
N SER A 160 3.60 -11.25 10.74
CA SER A 160 2.79 -12.42 11.11
C SER A 160 2.74 -12.62 12.62
N VAL A 161 3.85 -12.32 13.31
CA VAL A 161 3.92 -12.45 14.76
C VAL A 161 3.13 -11.31 15.38
N TYR A 162 3.44 -10.08 14.98
CA TYR A 162 2.74 -8.91 15.56
C TYR A 162 1.22 -9.05 15.43
N PHE A 163 0.76 -9.43 14.23
CA PHE A 163 -0.69 -9.57 13.92
C PHE A 163 -1.24 -10.97 14.10
N ASN A 164 -0.62 -11.74 14.96
CA ASN A 164 -0.91 -13.15 15.07
C ASN A 164 -2.35 -13.37 15.54
N GLN A 165 -2.93 -12.38 16.20
CA GLN A 165 -4.32 -12.54 16.66
C GLN A 165 -5.33 -12.39 15.50
N SER A 166 -4.85 -11.94 14.33
CA SER A 166 -5.72 -11.71 13.19
C SER A 166 -5.33 -12.56 11.99
N GLU A 167 -6.21 -13.50 11.61
CA GLU A 167 -5.93 -14.30 10.40
C GLU A 167 -5.82 -13.46 9.12
N ASP A 168 -6.43 -12.28 9.09
CA ASP A 168 -6.39 -11.42 7.91
C ASP A 168 -5.12 -10.57 7.84
N GLN A 169 -4.75 -9.95 8.97
CA GLN A 169 -3.66 -8.98 8.96
C GLN A 169 -2.28 -9.62 8.88
N LYS A 170 -2.19 -10.91 9.20
CA LYS A 170 -0.93 -11.64 9.07
C LYS A 170 -0.53 -11.96 7.62
N ILE A 171 -1.43 -11.66 6.69
CA ILE A 171 -1.22 -11.90 5.25
C ILE A 171 -0.81 -10.61 4.54
N PRO A 172 0.27 -10.68 3.71
CA PRO A 172 0.68 -9.53 2.89
C PRO A 172 -0.35 -9.20 1.81
N SER A 173 -0.29 -7.97 1.32
CA SER A 173 -1.22 -7.51 0.31
C SER A 173 -1.30 -8.41 -0.93
N PHE A 174 -0.23 -9.15 -1.24
CA PHE A 174 -0.13 -9.97 -2.45
C PHE A 174 -0.35 -11.45 -2.21
N GLY A 175 -0.74 -11.79 -0.99
CA GLY A 175 -1.11 -13.17 -0.66
C GLY A 175 0.08 -14.06 -0.38
N THR A 176 -0.14 -15.37 -0.41
CA THR A 176 0.93 -16.29 -0.10
C THR A 176 0.96 -17.42 -1.10
N VAL A 177 2.10 -18.11 -1.19
CA VAL A 177 2.23 -19.24 -2.12
C VAL A 177 1.27 -20.40 -1.79
N ALA A 178 1.12 -20.68 -0.49
CA ALA A 178 0.20 -21.73 -0.02
C ALA A 178 -1.25 -21.45 -0.44
N ALA A 179 -1.67 -20.21 -0.32
CA ALA A 179 -3.02 -19.82 -0.71
C ALA A 179 -3.17 -19.91 -2.23
N LEU A 180 -2.11 -19.51 -2.94
CA LEU A 180 -2.14 -19.54 -4.40
C LEU A 180 -2.34 -20.96 -4.97
N ALA A 181 -1.67 -21.93 -4.35
CA ALA A 181 -1.63 -23.31 -4.85
C ALA A 181 -3.01 -23.89 -5.13
N GLU A 182 -3.97 -23.54 -4.25
CA GLU A 182 -5.33 -24.09 -4.31
C GLU A 182 -6.24 -23.38 -5.28
N GLU A 183 -5.81 -22.20 -5.74
CA GLU A 183 -6.64 -21.38 -6.63
C GLU A 183 -6.68 -21.91 -8.06
N THR A 184 -7.84 -21.82 -8.70
CA THR A 184 -8.05 -22.39 -10.04
C THR A 184 -8.82 -21.42 -10.92
N ALA A 185 -8.93 -21.78 -12.20
CA ALA A 185 -9.64 -20.99 -13.19
C ALA A 185 -11.09 -20.76 -12.80
N ALA A 186 -11.70 -21.79 -12.19
CA ALA A 186 -13.07 -21.69 -11.64
C ALA A 186 -13.19 -20.80 -10.41
N SER A 187 -12.33 -21.01 -9.40
CA SER A 187 -12.32 -20.20 -8.20
C SER A 187 -12.13 -18.71 -8.51
N LEU A 188 -11.27 -18.42 -9.49
CA LEU A 188 -11.02 -17.03 -9.90
C LEU A 188 -12.18 -16.38 -10.66
N ALA A 189 -12.84 -17.15 -11.54
CA ALA A 189 -14.05 -16.70 -12.23
C ALA A 189 -15.20 -16.48 -11.22
N ALA A 190 -15.35 -17.40 -10.27
CA ALA A 190 -16.33 -17.19 -9.22
C ALA A 190 -16.00 -15.92 -8.42
N TYR A 191 -14.72 -15.75 -8.08
CA TYR A 191 -14.33 -14.59 -7.29
C TYR A 191 -14.58 -13.28 -8.08
N TYR A 192 -14.17 -13.24 -9.35
CA TYR A 192 -14.47 -12.10 -10.23
C TYR A 192 -15.94 -11.64 -10.07
N GLN A 193 -16.86 -12.60 -10.13
CA GLN A 193 -18.29 -12.27 -10.04
C GLN A 193 -18.67 -11.66 -8.70
N LYS A 194 -18.08 -12.19 -7.64
CA LYS A 194 -18.32 -11.68 -6.28
C LYS A 194 -17.73 -10.26 -6.07
N MSE A 195 -16.48 -10.05 -6.48
CA MSE A 195 -15.90 -8.70 -6.44
C MSE A 195 -16.76 -7.70 -7.21
O MSE A 195 -17.10 -6.64 -6.70
CB MSE A 195 -14.47 -8.67 -6.97
CG MSE A 195 -13.84 -7.27 -6.78
SE MSE A 195 -12.04 -7.16 -7.42
CE MSE A 195 -12.46 -6.88 -9.26
N LEU A 196 -17.18 -8.06 -8.44
CA LEU A 196 -17.92 -7.14 -9.28
C LEU A 196 -19.25 -6.78 -8.63
N ALA A 197 -19.90 -7.75 -8.01
CA ALA A 197 -21.20 -7.52 -7.38
C ALA A 197 -21.17 -6.85 -5.99
N GLU A 198 -20.07 -7.01 -5.24
CA GLU A 198 -20.04 -6.67 -3.80
C GLU A 198 -19.14 -5.50 -3.35
N ASP A 199 -18.06 -5.21 -4.06
CA ASP A 199 -17.09 -4.25 -3.57
C ASP A 199 -17.66 -2.83 -3.70
N GLN A 200 -17.22 -1.94 -2.80
CA GLN A 200 -17.45 -0.50 -3.01
C GLN A 200 -16.52 -0.06 -4.13
N VAL A 201 -17.06 0.69 -5.07
CA VAL A 201 -16.29 1.06 -6.27
C VAL A 201 -16.24 2.57 -6.33
N ASP A 202 -15.04 3.12 -6.53
CA ASP A 202 -14.89 4.56 -6.72
C ASP A 202 -14.03 4.80 -7.94
N ILE A 203 -14.48 5.72 -8.78
CA ILE A 203 -13.84 5.99 -10.07
C ILE A 203 -13.41 7.42 -10.02
N PHE A 204 -12.14 7.63 -10.33
CA PHE A 204 -11.54 8.97 -10.33
C PHE A 204 -11.04 9.35 -11.71
N VAL A 205 -11.27 10.60 -12.07
CA VAL A 205 -10.77 11.16 -13.31
C VAL A 205 -10.11 12.48 -12.96
N LEU A 206 -8.81 12.55 -13.22
CA LEU A 206 -8.01 13.74 -12.93
C LEU A 206 -7.44 14.25 -14.24
N GLY A 207 -7.82 15.48 -14.62
CA GLY A 207 -7.30 16.08 -15.85
C GLY A 207 -8.18 17.24 -16.29
N ASP A 208 -7.90 17.77 -17.49
CA ASP A 208 -8.67 18.87 -18.04
C ASP A 208 -9.92 18.29 -18.66
N VAL A 209 -10.88 17.98 -17.79
CA VAL A 209 -12.14 17.35 -18.16
C VAL A 209 -13.28 18.08 -17.44
N ASN A 210 -14.50 17.86 -17.92
CA ASN A 210 -15.70 18.32 -17.22
C ASN A 210 -16.67 17.19 -16.86
N GLU A 211 -17.30 17.35 -15.70
CA GLU A 211 -18.29 16.40 -15.19
C GLU A 211 -19.36 16.05 -16.22
N ALA A 212 -19.91 17.08 -16.88
CA ALA A 212 -20.99 16.90 -17.84
C ALA A 212 -20.71 15.86 -18.94
N GLU A 213 -19.51 15.88 -19.52
CA GLU A 213 -19.16 14.84 -20.50
C GLU A 213 -19.04 13.45 -19.87
N LEU A 214 -18.40 13.38 -18.70
CA LEU A 214 -18.04 12.08 -18.11
C LEU A 214 -19.20 11.28 -17.53
N VAL A 215 -20.18 11.96 -16.95
CA VAL A 215 -21.25 11.23 -16.28
C VAL A 215 -21.95 10.29 -17.25
N PRO A 216 -22.39 10.79 -18.42
CA PRO A 216 -23.02 9.88 -19.41
C PRO A 216 -22.11 8.71 -19.78
N LEU A 217 -20.82 8.97 -20.03
CA LEU A 217 -19.90 7.87 -20.38
C LEU A 217 -19.91 6.79 -19.31
N PHE A 218 -19.69 7.19 -18.06
CA PHE A 218 -19.56 6.22 -16.99
C PHE A 218 -20.85 5.52 -16.63
N LYS A 219 -21.98 6.15 -16.92
CA LYS A 219 -23.26 5.52 -16.71
C LYS A 219 -23.43 4.27 -17.58
N GLN A 220 -22.61 4.14 -18.64
CA GLN A 220 -22.61 2.98 -19.55
CA GLN A 220 -22.75 2.96 -19.49
C GLN A 220 -22.03 1.73 -18.90
N LEU A 221 -21.37 1.89 -17.77
CA LEU A 221 -20.76 0.72 -17.10
C LEU A 221 -21.85 0.02 -16.26
N PRO A 222 -22.23 -1.22 -16.63
CA PRO A 222 -23.45 -1.73 -16.01
C PRO A 222 -23.28 -2.31 -14.59
N PHE A 223 -22.81 -1.49 -13.64
CA PHE A 223 -22.69 -1.89 -12.23
C PHE A 223 -24.05 -2.05 -11.63
N THR A 224 -24.24 -3.11 -10.89
CA THR A 224 -25.48 -3.23 -10.09
C THR A 224 -25.26 -2.53 -8.73
N PRO A 225 -26.36 -2.14 -8.05
CA PRO A 225 -26.25 -1.48 -6.74
C PRO A 225 -25.61 -2.40 -5.74
N ARG A 226 -24.87 -1.83 -4.81
CA ARG A 226 -24.38 -2.61 -3.66
C ARG A 226 -24.27 -1.70 -2.47
N GLU A 227 -23.86 -2.24 -1.34
CA GLU A 227 -23.73 -1.47 -0.09
C GLU A 227 -22.81 -0.27 -0.29
N GLU A 228 -23.21 0.85 0.30
CA GLU A 228 -22.42 2.07 0.20
C GLU A 228 -21.26 2.14 1.23
N GLY A 229 -21.50 1.61 2.42
CA GLY A 229 -20.49 1.58 3.48
C GLY A 229 -19.25 0.74 3.16
N LYS A 230 -18.07 1.33 3.34
CA LYS A 230 -16.83 0.56 3.21
C LYS A 230 -16.46 -0.11 4.54
N ALA A 231 -15.64 -1.16 4.49
CA ALA A 231 -14.94 -1.68 5.68
C ALA A 231 -14.27 -0.52 6.46
N ALA A 232 -14.17 -0.66 7.78
CA ALA A 232 -13.42 0.29 8.60
C ALA A 232 -11.99 0.37 8.07
N ILE A 233 -11.46 1.57 7.94
CA ILE A 233 -10.12 1.66 7.37
C ILE A 233 -9.03 1.23 8.37
N PHE A 234 -9.14 1.64 9.62
CA PHE A 234 -8.06 1.44 10.57
C PHE A 234 -8.11 0.03 11.12
N TYR A 235 -6.95 -0.51 11.46
CA TYR A 235 -6.91 -1.75 12.23
C TYR A 235 -6.26 -1.46 13.58
N ASN A 236 -6.86 -2.02 14.62
CA ASN A 236 -6.36 -1.92 15.99
C ASN A 236 -6.44 -3.31 16.67
N GLN A 237 -5.59 -3.51 17.67
CA GLN A 237 -5.63 -4.75 18.46
C GLN A 237 -5.14 -4.43 19.86
N PRO A 238 -5.54 -5.25 20.85
CA PRO A 238 -5.04 -4.99 22.20
C PRO A 238 -3.53 -5.13 22.33
N ILE A 239 -2.95 -4.29 23.20
CA ILE A 239 -1.60 -4.47 23.70
C ILE A 239 -1.55 -5.75 24.56
N ARG A 240 -0.57 -6.61 24.27
CA ARG A 240 -0.27 -7.80 25.07
C ARG A 240 0.75 -7.41 26.15
N ASN A 241 0.61 -7.98 27.34
CA ASN A 241 1.57 -7.68 28.39
C ASN A 241 2.91 -8.41 28.25
N VAL A 242 2.93 -9.49 27.49
CA VAL A 242 4.16 -10.21 27.26
C VAL A 242 4.60 -10.01 25.80
N ILE A 243 5.89 -9.74 25.59
CA ILE A 243 6.45 -9.69 24.23
C ILE A 243 6.57 -11.09 23.61
N GLU A 244 6.05 -11.30 22.39
CA GLU A 244 6.26 -12.57 21.68
C GLU A 244 7.54 -12.51 20.86
N GLU A 245 8.42 -13.50 21.06
CA GLU A 245 9.69 -13.60 20.33
C GLU A 245 9.67 -14.91 19.54
N ARG A 246 9.88 -14.81 18.22
CA ARG A 246 9.96 -16.00 17.38
C ARG A 246 11.31 -16.00 16.68
N THR A 247 11.85 -17.20 16.46
CA THR A 247 13.11 -17.38 15.73
C THR A 247 12.96 -18.44 14.64
N GLU A 248 13.58 -18.19 13.50
CA GLU A 248 13.71 -19.19 12.46
C GLU A 248 15.16 -19.26 12.04
N ARG A 249 15.63 -20.47 11.74
CA ARG A 249 16.99 -20.66 11.28
C ARG A 249 17.01 -21.01 9.81
N GLU A 250 17.96 -20.39 9.09
CA GLU A 250 18.12 -20.60 7.66
C GLU A 250 19.59 -20.42 7.36
N VAL A 251 20.01 -20.94 6.23
CA VAL A 251 21.40 -20.76 5.78
C VAL A 251 21.44 -19.35 5.23
N LEU A 252 22.23 -18.48 5.86
CA LEU A 252 22.24 -17.06 5.48
C LEU A 252 23.63 -16.55 5.69
N ALA A 253 24.01 -15.49 4.99
CA ALA A 253 25.29 -14.83 5.27
C ALA A 253 25.14 -13.68 6.28
N GLN A 254 23.90 -13.39 6.68
CA GLN A 254 23.58 -12.26 7.56
C GLN A 254 22.25 -12.58 8.24
N SER A 255 22.18 -12.41 9.57
CA SER A 255 20.92 -12.66 10.30
C SER A 255 20.06 -11.42 10.26
N LYS A 256 18.76 -11.56 10.49
CA LYS A 256 17.84 -10.45 10.55
C LYS A 256 17.26 -10.37 11.94
N LEU A 257 17.22 -9.17 12.51
CA LEU A 257 16.58 -9.01 13.81
C LEU A 257 15.62 -7.84 13.76
N ASN A 258 14.32 -8.15 13.85
CA ASN A 258 13.28 -7.14 13.69
C ASN A 258 12.37 -7.03 14.91
N LEU A 259 11.82 -5.85 15.14
CA LEU A 259 11.01 -5.58 16.35
C LEU A 259 9.78 -4.81 15.91
N ALA A 260 8.64 -5.14 16.51
CA ALA A 260 7.39 -4.47 16.24
C ALA A 260 6.82 -3.90 17.52
N TYR A 261 6.41 -2.64 17.44
CA TYR A 261 5.85 -1.90 18.56
C TYR A 261 4.45 -1.44 18.24
N ASN A 262 3.56 -1.47 19.23
CA ASN A 262 2.24 -0.84 19.10
C ASN A 262 2.42 0.67 19.37
N THR A 263 1.93 1.50 18.46
CA THR A 263 1.98 2.93 18.68
C THR A 263 0.62 3.47 19.08
N ASP A 264 -0.44 2.76 18.70
CA ASP A 264 -1.79 3.28 18.80
C ASP A 264 -1.96 4.70 18.18
N ILE A 265 -1.14 5.06 17.17
CA ILE A 265 -1.28 6.38 16.54
C ILE A 265 -1.66 6.23 15.06
N TYR A 266 -2.70 6.95 14.65
CA TYR A 266 -3.30 6.76 13.32
C TYR A 266 -3.34 8.04 12.54
N TYR A 267 -3.50 7.90 11.24
CA TYR A 267 -3.66 9.02 10.33
C TYR A 267 -4.77 9.91 10.90
N GLY A 268 -4.53 11.22 10.98
CA GLY A 268 -5.51 12.13 11.55
C GLY A 268 -5.58 12.25 13.08
N ASP A 269 -4.76 11.48 13.79
CA ASP A 269 -4.72 11.55 15.27
C ASP A 269 -3.87 12.72 15.76
N SER A 270 -4.11 13.13 17.01
CA SER A 270 -3.35 14.19 17.67
C SER A 270 -1.82 14.09 17.54
N TYR A 271 -1.27 12.90 17.78
CA TYR A 271 0.18 12.66 17.71
C TYR A 271 0.70 12.17 16.36
N TYR A 272 -0.14 12.25 15.33
CA TYR A 272 0.28 11.84 13.97
C TYR A 272 1.59 12.53 13.54
N PHE A 273 1.65 13.86 13.61
CA PHE A 273 2.85 14.57 13.15
C PHE A 273 4.07 14.33 14.06
N ALA A 274 3.83 14.36 15.37
CA ALA A 274 4.87 13.99 16.37
C ALA A 274 5.48 12.61 16.06
N LEU A 275 4.65 11.69 15.60
CA LEU A 275 5.13 10.32 15.27
C LEU A 275 6.02 10.34 14.02
N GLN A 276 5.63 11.17 13.05
CA GLN A 276 6.44 11.35 11.83
C GLN A 276 7.88 11.74 12.23
N VAL A 277 7.97 12.70 13.14
CA VAL A 277 9.24 13.23 13.57
C VAL A 277 9.94 12.22 14.47
N PHE A 278 9.20 11.62 15.42
CA PHE A 278 9.82 10.60 16.29
C PHE A 278 10.49 9.52 15.45
N ASN A 279 9.77 9.06 14.42
CA ASN A 279 10.27 7.98 13.58
C ASN A 279 11.56 8.36 12.90
N GLY A 280 11.60 9.60 12.38
CA GLY A 280 12.81 10.11 11.73
C GLY A 280 14.01 10.14 12.67
N ILE A 281 13.78 10.52 13.94
CA ILE A 281 14.88 10.67 14.90
C ILE A 281 15.35 9.30 15.39
N PHE A 282 14.41 8.38 15.51
CA PHE A 282 14.67 7.04 16.08
C PHE A 282 15.48 6.17 15.08
N GLY A 283 14.93 5.95 13.88
CA GLY A 283 15.59 5.09 12.90
C GLY A 283 15.22 5.40 11.46
N GLY A 284 14.53 6.51 11.21
CA GLY A 284 13.95 6.72 9.88
C GLY A 284 14.93 7.21 8.81
N PHE A 285 15.93 7.95 9.25
CA PHE A 285 16.86 8.65 8.39
C PHE A 285 18.30 8.34 8.80
N PRO A 286 19.30 8.64 7.92
CA PRO A 286 20.69 8.32 8.24
C PRO A 286 21.26 9.01 9.47
N HIS A 287 20.63 10.10 9.92
CA HIS A 287 21.08 10.84 11.07
C HIS A 287 20.37 10.33 12.35
N SER A 288 19.61 9.25 12.21
CA SER A 288 18.78 8.76 13.30
C SER A 288 19.60 8.16 14.42
N LYS A 289 19.01 8.03 15.61
CA LYS A 289 19.75 7.40 16.72
C LYS A 289 20.22 5.98 16.47
N LEU A 290 19.38 5.17 15.81
CA LEU A 290 19.79 3.78 15.55
C LEU A 290 20.86 3.71 14.48
N PHE A 291 20.72 4.52 13.41
CA PHE A 291 21.80 4.55 12.40
C PHE A 291 23.12 4.96 13.05
N MSE A 292 23.08 6.06 13.78
CA MSE A 292 24.28 6.62 14.37
C MSE A 292 24.90 5.83 15.52
O MSE A 292 26.10 5.91 15.75
CB MSE A 292 24.03 8.09 14.83
CG MSE A 292 23.66 9.03 13.67
SE MSE A 292 25.12 9.05 12.32
CE MSE A 292 26.61 9.58 13.45
N ASN A 293 24.12 5.05 16.25
CA ASN A 293 24.62 4.39 17.45
C ASN A 293 24.70 2.88 17.36
N VAL A 294 23.79 2.25 16.64
CA VAL A 294 23.86 0.79 16.50
C VAL A 294 24.67 0.43 15.24
N ARG A 295 24.38 1.08 14.11
CA ARG A 295 25.14 0.82 12.90
C ARG A 295 26.55 1.47 12.93
N GLU A 296 26.59 2.80 13.03
CA GLU A 296 27.85 3.49 13.26
C GLU A 296 28.18 3.33 14.74
N LYS A 297 29.38 3.74 15.11
CA LYS A 297 29.85 3.72 16.49
C LYS A 297 30.03 2.31 17.05
N GLU A 298 28.94 1.60 17.34
CA GLU A 298 29.08 0.24 17.89
C GLU A 298 29.35 -0.80 16.81
N HIS A 299 29.06 -0.47 15.54
CA HIS A 299 29.25 -1.39 14.42
C HIS A 299 28.58 -2.76 14.68
N LEU A 300 27.38 -2.77 15.26
CA LEU A 300 26.75 -4.06 15.56
C LEU A 300 25.63 -4.42 14.59
N ALA A 301 25.33 -3.52 13.67
CA ALA A 301 24.34 -3.83 12.66
C ALA A 301 24.83 -3.34 11.31
N TYR A 302 24.54 -4.10 10.28
CA TYR A 302 24.84 -3.69 8.89
C TYR A 302 23.87 -2.62 8.46
N TYR A 303 22.65 -2.68 9.01
CA TYR A 303 21.66 -1.64 8.83
C TYR A 303 20.69 -1.71 9.96
N ALA A 304 20.09 -0.57 10.31
CA ALA A 304 19.10 -0.51 11.35
C ALA A 304 18.14 0.60 10.98
N SER A 305 16.87 0.30 10.74
CA SER A 305 15.97 1.42 10.44
C SER A 305 14.59 1.20 10.97
N SER A 306 13.80 2.27 11.01
CA SER A 306 12.46 2.17 11.57
C SER A 306 11.48 2.66 10.51
N SER A 307 10.24 2.15 10.58
CA SER A 307 9.16 2.49 9.65
C SER A 307 7.91 2.51 10.47
N ILE A 308 6.93 3.29 10.04
CA ILE A 308 5.61 3.42 10.70
C ILE A 308 4.45 3.10 9.75
N ASP A 309 3.34 2.64 10.31
CA ASP A 309 2.12 2.41 9.58
C ASP A 309 1.03 3.06 10.42
N THR A 310 0.49 4.15 9.91
CA THR A 310 -0.50 4.97 10.62
C THR A 310 -1.93 4.56 10.25
N PHE A 311 -2.07 3.43 9.56
CA PHE A 311 -3.38 2.80 9.37
C PHE A 311 -3.57 1.51 10.21
N ARG A 312 -2.47 0.91 10.67
CA ARG A 312 -2.55 -0.29 11.51
C ARG A 312 -1.92 -0.06 12.90
N GLY A 313 -1.48 1.16 13.19
CA GLY A 313 -1.03 1.57 14.55
C GLY A 313 0.19 0.85 15.13
N PHE A 314 1.21 0.69 14.31
CA PHE A 314 2.41 0.01 14.71
C PHE A 314 3.62 0.56 14.00
N MSE A 315 4.79 0.23 14.49
CA MSE A 315 6.09 0.77 14.09
C MSE A 315 7.02 -0.42 14.12
O MSE A 315 6.87 -1.22 14.99
CB MSE A 315 6.54 1.74 15.18
CG MSE A 315 7.45 2.84 14.84
SE MSE A 315 9.09 2.96 15.77
CE MSE A 315 9.57 1.25 15.71
N THR A 316 7.97 -0.52 13.20
CA THR A 316 8.92 -1.64 13.19
C THR A 316 10.34 -1.11 13.09
N VAL A 317 11.26 -1.88 13.66
CA VAL A 317 12.66 -1.65 13.53
C VAL A 317 13.14 -2.91 12.85
N GLN A 318 13.94 -2.74 11.79
CA GLN A 318 14.51 -3.85 11.06
C GLN A 318 16.04 -3.71 11.05
N THR A 319 16.75 -4.79 11.39
CA THR A 319 18.22 -4.81 11.37
C THR A 319 18.75 -6.05 10.65
N GLY A 320 19.93 -5.92 10.05
CA GLY A 320 20.78 -7.06 9.63
C GLY A 320 21.99 -7.06 10.54
N ILE A 321 22.29 -8.24 11.10
CA ILE A 321 23.32 -8.35 12.14
C ILE A 321 24.09 -9.65 11.96
N ASP A 322 25.22 -9.77 12.66
CA ASP A 322 25.78 -11.07 12.94
C ASP A 322 24.97 -11.63 14.10
N GLY A 323 24.45 -12.85 13.94
CA GLY A 323 23.43 -13.42 14.85
C GLY A 323 23.92 -13.46 16.29
N LYS A 324 25.23 -13.61 16.48
CA LYS A 324 25.84 -13.65 17.83
C LYS A 324 25.59 -12.37 18.68
N ASN A 325 25.24 -11.27 18.02
CA ASN A 325 25.05 -9.97 18.68
C ASN A 325 23.57 -9.63 18.99
N ARG A 326 22.68 -10.62 18.87
CA ARG A 326 21.25 -10.40 19.01
C ARG A 326 20.89 -9.62 20.29
N ASN A 327 21.36 -10.13 21.43
CA ASN A 327 21.00 -9.54 22.73
C ASN A 327 21.61 -8.17 22.90
N GLN A 328 22.85 -8.01 22.48
CA GLN A 328 23.47 -6.67 22.55
C GLN A 328 22.80 -5.64 21.64
N VAL A 329 22.41 -6.06 20.44
CA VAL A 329 21.65 -5.17 19.57
C VAL A 329 20.29 -4.80 20.21
N LEU A 330 19.61 -5.75 20.84
CA LEU A 330 18.32 -5.40 21.47
C LEU A 330 18.52 -4.38 22.58
N ARG A 331 19.58 -4.55 23.38
CA ARG A 331 19.89 -3.59 24.47
C ARG A 331 20.22 -2.19 23.91
N LEU A 332 21.01 -2.14 22.84
CA LEU A 332 21.36 -0.85 22.22
C LEU A 332 20.12 -0.11 21.70
N ILE A 333 19.24 -0.82 21.00
CA ILE A 333 17.98 -0.25 20.49
C ILE A 333 17.11 0.29 21.63
N SER A 334 16.98 -0.50 22.69
CA SER A 334 16.24 -0.09 23.89
C SER A 334 16.83 1.19 24.52
N THR A 335 18.16 1.24 24.56
CA THR A 335 18.85 2.44 25.09
C THR A 335 18.52 3.70 24.31
N GLU A 336 18.56 3.60 22.98
CA GLU A 336 18.19 4.74 22.16
C GLU A 336 16.74 5.15 22.34
N LEU A 337 15.85 4.17 22.50
CA LEU A 337 14.45 4.51 22.75
C LEU A 337 14.28 5.25 24.10
N GLU A 338 14.95 4.76 25.12
CA GLU A 338 14.94 5.43 26.40
C GLU A 338 15.49 6.87 26.29
N ASN A 339 16.55 7.04 25.50
CA ASN A 339 17.11 8.36 25.31
C ASN A 339 16.11 9.34 24.73
N ILE A 340 15.34 8.90 23.73
CA ILE A 340 14.26 9.72 23.20
C ILE A 340 13.21 9.96 24.29
N ARG A 341 12.78 8.90 25.00
CA ARG A 341 11.82 9.11 26.11
C ARG A 341 12.31 10.19 27.08
N LEU A 342 13.61 10.18 27.36
CA LEU A 342 14.23 11.15 28.30
C LEU A 342 14.39 12.56 27.70
N GLY A 343 14.15 12.69 26.39
CA GLY A 343 14.26 13.99 25.73
C GLY A 343 15.70 14.33 25.44
N LYS A 344 16.54 13.29 25.35
CA LYS A 344 17.95 13.46 25.03
C LYS A 344 18.08 13.59 23.50
N ILE A 345 17.64 14.74 23.00
CA ILE A 345 17.48 14.97 21.54
C ILE A 345 18.11 16.30 21.15
N ARG A 346 19.07 16.24 20.23
CA ARG A 346 19.81 17.42 19.85
C ARG A 346 19.00 18.23 18.85
N GLU A 347 19.24 19.54 18.83
CA GLU A 347 18.56 20.41 17.87
C GLU A 347 18.75 19.95 16.42
N LEU A 348 19.94 19.48 16.09
CA LEU A 348 20.20 19.08 14.71
C LEU A 348 19.42 17.82 14.35
N GLU A 349 19.32 16.85 15.27
CA GLU A 349 18.46 15.68 15.06
C GLU A 349 17.04 16.07 14.61
N ILE A 350 16.39 16.97 15.34
CA ILE A 350 15.00 17.37 15.03
C ILE A 350 14.93 18.16 13.74
N GLU A 351 15.85 19.12 13.58
CA GLU A 351 15.87 20.04 12.45
C GLU A 351 16.08 19.25 11.16
N GLN A 352 17.07 18.36 11.16
CA GLN A 352 17.29 17.50 10.00
C GLN A 352 16.12 16.60 9.67
N THR A 353 15.48 16.04 10.70
CA THR A 353 14.29 15.21 10.51
C THR A 353 13.16 16.02 9.87
N LYS A 354 12.86 17.22 10.41
CA LYS A 354 11.81 18.08 9.83
C LYS A 354 12.09 18.46 8.37
N ALA A 355 13.34 18.84 8.06
CA ALA A 355 13.75 19.20 6.69
C ALA A 355 13.49 18.05 5.70
N MSE A 356 13.89 16.85 6.08
CA MSE A 356 13.76 15.70 5.19
C MSE A 356 12.30 15.28 5.02
O MSE A 356 11.88 14.92 3.95
CB MSE A 356 14.65 14.52 5.64
CG MSE A 356 16.13 14.81 5.36
SE MSE A 356 17.30 13.38 5.94
CE MSE A 356 16.98 12.15 4.44
N LEU A 357 11.51 15.35 6.11
CA LEU A 357 10.08 15.09 5.98
C LEU A 357 9.43 16.12 5.04
N LYS A 358 9.71 17.40 5.26
CA LYS A 358 9.14 18.46 4.40
C LYS A 358 9.57 18.28 2.96
N ASN A 359 10.86 18.04 2.73
CA ASN A 359 11.36 17.88 1.36
C ASN A 359 10.63 16.74 0.61
N GLN A 360 10.45 15.62 1.30
CA GLN A 360 9.76 14.47 0.71
C GLN A 360 8.31 14.76 0.38
N TYR A 361 7.55 15.33 1.31
CA TYR A 361 6.19 15.74 1.06
C TYR A 361 6.09 16.70 -0.12
N ILE A 362 6.88 17.78 -0.09
CA ILE A 362 6.83 18.78 -1.16
C ILE A 362 7.08 18.17 -2.53
N LEU A 363 8.07 17.31 -2.61
CA LEU A 363 8.40 16.59 -3.85
C LEU A 363 7.15 15.97 -4.49
N ALA A 364 6.32 15.31 -3.68
CA ALA A 364 5.14 14.61 -4.18
C ALA A 364 3.94 15.53 -4.51
N LEU A 365 4.04 16.80 -4.15
CA LEU A 365 3.00 17.79 -4.47
C LEU A 365 2.70 17.90 -5.97
N ASP A 366 3.70 17.56 -6.78
CA ASP A 366 3.58 17.71 -8.23
C ASP A 366 2.89 16.52 -8.88
N ASN A 367 3.13 15.35 -8.30
CA ASN A 367 2.78 14.08 -8.92
C ASN A 367 1.26 13.79 -9.02
N ALA A 368 0.78 13.52 -10.24
CA ALA A 368 -0.64 13.18 -10.48
C ALA A 368 -1.07 11.91 -9.76
N GLY A 369 -0.20 10.90 -9.71
CA GLY A 369 -0.49 9.69 -8.93
C GLY A 369 -0.67 9.97 -7.45
N ALA A 370 0.23 10.78 -6.89
CA ALA A 370 0.17 11.17 -5.49
C ALA A 370 -1.10 11.97 -5.22
N TRP A 371 -1.46 12.82 -6.15
CA TRP A 371 -2.65 13.65 -6.03
C TRP A 371 -3.89 12.73 -5.94
N LEU A 372 -4.04 11.80 -6.90
CA LEU A 372 -5.13 10.81 -6.82
C LEU A 372 -5.23 10.08 -5.47
N GLU A 373 -4.10 9.63 -4.93
CA GLU A 373 -4.06 8.99 -3.60
C GLU A 373 -4.51 9.92 -2.45
N LYS A 374 -4.07 11.18 -2.48
CA LYS A 374 -4.57 12.18 -1.51
C LYS A 374 -6.07 12.32 -1.64
N GLU A 375 -6.57 12.40 -2.88
CA GLU A 375 -8.02 12.52 -3.11
C GLU A 375 -8.78 11.32 -2.56
N TYR A 376 -8.22 10.12 -2.76
CA TYR A 376 -8.86 8.93 -2.24
C TYR A 376 -8.94 8.94 -0.72
N LEU A 377 -7.82 9.22 -0.04
CA LEU A 377 -7.83 9.27 1.42
C LEU A 377 -8.82 10.28 1.90
N ASN A 378 -8.79 11.46 1.29
CA ASN A 378 -9.72 12.54 1.55
C ASN A 378 -11.18 12.13 1.46
N GLU A 379 -11.48 11.32 0.45
CA GLU A 379 -12.80 10.78 0.22
C GLU A 379 -13.21 9.87 1.37
N LEU A 380 -12.28 9.00 1.78
CA LEU A 380 -12.52 8.12 2.93
C LEU A 380 -12.70 8.90 4.23
N MSE A 381 -11.78 9.82 4.51
CA MSE A 381 -11.78 10.49 5.78
C MSE A 381 -11.78 11.98 5.61
O MSE A 381 -10.73 12.62 5.71
CB MSE A 381 -10.58 10.06 6.58
CG MSE A 381 -10.54 8.57 6.77
SE MSE A 381 -8.95 8.19 7.75
CE MSE A 381 -7.70 7.78 6.37
N PRO A 382 -12.99 12.53 5.41
CA PRO A 382 -13.22 13.90 4.95
C PRO A 382 -12.68 14.97 5.88
N GLN A 383 -12.49 14.66 7.14
CA GLN A 383 -12.09 15.74 8.02
C GLN A 383 -10.72 15.56 8.63
N THR A 384 -9.92 14.75 7.95
CA THR A 384 -8.51 14.64 8.23
C THR A 384 -7.76 15.52 7.24
N MSE A 385 -8.51 16.32 6.47
CA MSE A 385 -8.02 17.10 5.33
C MSE A 385 -7.10 18.21 5.74
O MSE A 385 -7.49 19.09 6.55
CB MSE A 385 -9.18 17.76 4.57
CG MSE A 385 -10.08 16.79 3.86
SE MSE A 385 -11.27 17.66 2.58
CE MSE A 385 -10.00 18.85 1.64
N LEU A 386 -5.90 18.22 5.19
CA LEU A 386 -4.93 19.27 5.48
C LEU A 386 -4.35 19.84 4.18
N THR A 387 -4.28 21.16 4.08
CA THR A 387 -3.65 21.76 2.92
C THR A 387 -2.15 21.53 3.02
N ALA A 388 -1.44 21.73 1.93
CA ALA A 388 0.00 21.57 1.93
C ALA A 388 0.63 22.55 2.92
N GLU A 389 0.17 23.80 2.93
CA GLU A 389 0.61 24.79 3.91
C GLU A 389 0.42 24.34 5.38
N GLU A 390 -0.73 23.76 5.72
CA GLU A 390 -0.96 23.32 7.09
C GLU A 390 -0.16 22.05 7.45
N TRP A 391 0.02 21.16 6.48
CA TRP A 391 0.83 19.97 6.68
C TRP A 391 2.23 20.39 7.11
N ILE A 392 2.82 21.28 6.32
CA ILE A 392 4.16 21.81 6.58
C ILE A 392 4.24 22.54 7.95
N ALA A 393 3.25 23.37 8.24
CA ALA A 393 3.19 24.04 9.54
C ALA A 393 3.17 23.01 10.71
N ARG A 394 2.41 21.95 10.54
CA ARG A 394 2.31 20.95 11.60
C ARG A 394 3.62 20.20 11.79
N ILE A 395 4.30 19.85 10.69
CA ILE A 395 5.67 19.31 10.83
C ILE A 395 6.61 20.27 11.57
N ASN A 396 6.62 21.52 11.13
CA ASN A 396 7.44 22.56 11.78
C ASN A 396 7.19 22.75 13.28
N ALA A 397 5.94 22.56 13.72
CA ALA A 397 5.56 22.85 15.10
C ALA A 397 5.80 21.73 16.11
N VAL A 398 6.20 20.54 15.62
CA VAL A 398 6.46 19.43 16.54
C VAL A 398 7.54 19.81 17.57
N THR A 399 7.24 19.55 18.85
CA THR A 399 8.15 19.86 19.97
C THR A 399 8.76 18.60 20.57
N ILE A 400 9.83 18.77 21.36
CA ILE A 400 10.47 17.64 22.01
C ILE A 400 9.52 16.91 22.96
N PRO A 401 8.77 17.66 23.82
CA PRO A 401 7.79 17.01 24.70
C PRO A 401 6.79 16.12 23.93
N GLU A 402 6.37 16.54 22.73
CA GLU A 402 5.50 15.69 21.92
C GLU A 402 6.17 14.42 21.44
N ILE A 403 7.45 14.54 21.08
CA ILE A 403 8.26 13.39 20.65
C ILE A 403 8.45 12.41 21.80
N GLN A 404 8.72 12.94 23.00
CA GLN A 404 8.90 12.13 24.21
C GLN A 404 7.61 11.37 24.53
N GLU A 405 6.48 12.06 24.38
CA GLU A 405 5.18 11.39 24.59
C GLU A 405 4.93 10.21 23.58
N VAL A 406 5.21 10.42 22.30
CA VAL A 406 5.13 9.34 21.30
C VAL A 406 6.04 8.19 21.76
N ALA A 407 7.26 8.52 22.18
CA ALA A 407 8.22 7.48 22.62
C ALA A 407 7.70 6.70 23.85
N LYS A 408 7.04 7.39 24.77
CA LYS A 408 6.47 6.73 25.96
C LYS A 408 5.27 5.86 25.61
N ARG A 409 4.50 6.26 24.59
CA ARG A 409 3.33 5.47 24.14
C ARG A 409 3.71 4.17 23.45
N LEU A 410 4.85 4.19 22.79
CA LEU A 410 5.40 3.04 22.08
C LEU A 410 5.48 1.88 23.02
N GLU A 411 5.07 0.70 22.56
CA GLU A 411 5.12 -0.48 23.40
C GLU A 411 5.57 -1.67 22.57
N LEU A 412 6.74 -2.21 22.90
CA LEU A 412 7.28 -3.39 22.18
C LEU A 412 6.35 -4.57 22.35
N GLN A 413 6.10 -5.27 21.24
CA GLN A 413 5.13 -6.38 21.20
C GLN A 413 5.66 -7.68 20.61
N ALA A 414 6.56 -7.59 19.64
CA ALA A 414 7.02 -8.79 18.98
C ALA A 414 8.45 -8.60 18.51
N ILE A 415 9.22 -9.67 18.52
CA ILE A 415 10.59 -9.65 18.03
C ILE A 415 10.72 -10.88 17.13
N PHE A 416 11.19 -10.68 15.90
CA PHE A 416 11.43 -11.83 15.03
C PHE A 416 12.90 -11.86 14.70
N PHE A 417 13.50 -13.03 14.89
CA PHE A 417 14.92 -13.25 14.67
C PHE A 417 15.11 -14.33 13.60
N LEU A 418 15.69 -13.94 12.46
CA LEU A 418 16.00 -14.91 11.41
C LEU A 418 17.47 -15.20 11.55
N GLU A 419 17.79 -16.39 12.06
CA GLU A 419 19.11 -16.68 12.53
C GLU A 419 19.87 -17.50 11.52
N GLY A 420 21.00 -16.95 11.07
CA GLY A 420 21.82 -17.61 10.08
C GLY A 420 22.48 -18.84 10.66
N GLU A 421 22.40 -19.94 9.89
CA GLU A 421 23.23 -21.12 10.07
C GLU A 421 24.38 -21.00 9.09
N THR A 422 25.58 -20.84 9.61
CA THR A 422 26.75 -20.74 8.74
C THR A 422 27.67 -21.94 8.95
N GLU A 423 27.44 -22.71 10.02
CA GLU A 423 28.33 -23.80 10.38
C GLU A 423 27.73 -25.16 10.05
N ASN A 424 28.58 -26.04 9.52
CA ASN A 424 28.15 -27.38 9.14
C ASN A 424 28.20 -28.38 10.30
N ASP A 425 27.42 -29.45 10.14
CA ASP A 425 27.41 -30.61 11.06
C ASP A 425 26.52 -30.48 12.29
C ACT B . 31.71 -8.85 7.57
O ACT B . 31.93 -7.80 8.22
OXT ACT B . 31.99 -9.93 8.16
CH3 ACT B . 31.17 -8.82 6.17
C ACT C . 25.38 -14.57 11.05
O ACT C . 25.34 -14.71 9.80
OXT ACT C . 24.30 -14.37 11.63
CH3 ACT C . 26.66 -14.67 11.77
C ACT D . 1.36 -2.87 -23.40
O ACT D . 0.81 -3.68 -22.60
OXT ACT D . 1.32 -1.66 -23.07
CH3 ACT D . 2.04 -3.31 -24.67
C ACT E . 6.09 -1.25 8.61
O ACT E . 7.20 -1.86 8.63
OXT ACT E . 5.87 -0.38 9.51
CH3 ACT E . 5.08 -1.60 7.57
C1 EDO F . -4.86 23.95 -11.81
O1 EDO F . -5.51 24.17 -13.07
C2 EDO F . -5.64 22.93 -10.98
O2 EDO F . -4.87 22.61 -9.81
C1 EDO G . 28.53 -5.94 12.05
O1 EDO G . 28.70 -6.92 13.06
C2 EDO G . 29.89 -5.76 11.39
O2 EDO G . 29.91 -4.60 10.54
C1 EDO H . -5.92 10.73 19.89
O1 EDO H . -4.84 11.19 20.70
C2 EDO H . -6.06 11.77 18.80
O2 EDO H . -7.07 11.41 17.88
C1 EDO I . -22.20 -5.80 -10.61
O1 EDO I . -21.57 -4.84 -11.43
C2 EDO I . -22.33 -7.11 -11.38
O2 EDO I . -23.14 -7.96 -10.57
#